data_4KPC
#
_entry.id   4KPC
#
_cell.length_a   110.284
_cell.length_b   110.284
_cell.length_c   110.284
_cell.angle_alpha   90.00
_cell.angle_beta   90.00
_cell.angle_gamma   90.00
#
_symmetry.space_group_name_H-M   'P 21 3'
#
loop_
_entity.id
_entity.type
_entity.pdbx_description
1 polymer 'Nucleoside diphosphate kinase b'
2 non-polymer 'PHOSPHATE ION'
3 water water
#
_entity_poly.entity_id   1
_entity_poly.type   'polypeptide(L)'
_entity_poly.pdbx_seq_one_letter_code
;MGSSHHHHHHSSGLVPRGSHMSSERTFIAIKPDGVQRGLVGEIISRFERKGFKLVALKMLQPTTEQAQGHYKDLASKPFF
EGLVKYFSSGPIVCMVWEGKNVVKSGRVLLGATNPADSQPGTIRGDYAVDVGRNVCHGSDSVESAQREVAFWFKVEEIAS
WTSHSACQIYE
;
_entity_poly.pdbx_strand_id   A,B
#
loop_
_chem_comp.id
_chem_comp.type
_chem_comp.name
_chem_comp.formula
PO4 non-polymer 'PHOSPHATE ION' 'O4 P -3'
#
# COMPACT_ATOMS: atom_id res chain seq x y z
N SER A 22 17.96 -2.57 -13.64
CA SER A 22 16.59 -2.38 -14.11
C SER A 22 15.63 -3.39 -13.49
N SER A 23 16.16 -4.57 -13.18
CA SER A 23 15.46 -5.64 -12.47
C SER A 23 15.79 -5.45 -10.99
N GLU A 24 16.55 -4.39 -10.72
CA GLU A 24 16.98 -4.06 -9.39
C GLU A 24 15.80 -3.79 -8.47
N ARG A 25 15.93 -4.26 -7.23
CA ARG A 25 14.86 -4.13 -6.27
C ARG A 25 15.37 -3.60 -4.95
N THR A 26 14.51 -2.82 -4.29
CA THR A 26 14.85 -2.35 -2.97
C THR A 26 13.68 -2.52 -2.01
N PHE A 27 14.02 -2.58 -0.72
CA PHE A 27 13.01 -2.70 0.32
C PHE A 27 12.79 -1.36 0.98
N ILE A 28 11.52 -0.95 1.06
CA ILE A 28 11.11 0.27 1.74
C ILE A 28 10.07 -0.07 2.81
N ALA A 29 10.28 0.47 4.00
CA ALA A 29 9.36 0.25 5.10
C ALA A 29 8.90 1.58 5.68
N ILE A 30 7.59 1.77 5.74
CA ILE A 30 7.01 2.90 6.43
C ILE A 30 6.76 2.47 7.86
N LYS A 31 7.33 3.21 8.81
CA LYS A 31 7.33 2.80 10.21
C LYS A 31 6.03 3.21 10.92
N PRO A 32 5.82 2.77 12.19
CA PRO A 32 4.50 3.04 12.80
C PRO A 32 4.11 4.53 12.88
N ASP A 33 5.07 5.44 13.06
CA ASP A 33 4.76 6.88 13.08
C ASP A 33 4.29 7.35 11.68
N GLY A 34 4.94 6.84 10.64
CA GLY A 34 4.53 7.16 9.28
C GLY A 34 3.10 6.72 9.00
N VAL A 35 2.73 5.56 9.53
CA VAL A 35 1.38 5.04 9.35
C VAL A 35 0.38 5.82 10.19
N GLN A 36 0.73 6.11 11.44
CA GLN A 36 -0.20 6.81 12.32
C GLN A 36 -0.44 8.26 11.89
N ARG A 37 0.56 8.86 11.25
CA ARG A 37 0.46 10.25 10.80
C ARG A 37 -0.19 10.40 9.41
N GLY A 38 -0.62 9.28 8.82
CA GLY A 38 -1.30 9.32 7.54
C GLY A 38 -0.42 9.69 6.37
N LEU A 39 0.76 9.08 6.29
CA LEU A 39 1.74 9.40 5.25
C LEU A 39 1.99 8.23 4.30
N VAL A 40 1.18 7.18 4.43
CA VAL A 40 1.39 5.96 3.64
C VAL A 40 1.24 6.24 2.14
N GLY A 41 0.16 6.91 1.77
CA GLY A 41 -0.09 7.18 0.37
C GLY A 41 0.92 8.17 -0.16
N GLU A 42 1.25 9.16 0.67
CA GLU A 42 2.20 10.17 0.26
C GLU A 42 3.53 9.55 -0.12
N ILE A 43 4.04 8.67 0.75
CA ILE A 43 5.30 8.02 0.50
C ILE A 43 5.25 7.13 -0.76
N ILE A 44 4.18 6.34 -0.90
CA ILE A 44 4.04 5.51 -2.10
C ILE A 44 3.96 6.37 -3.39
N SER A 45 3.22 7.47 -3.35
CA SER A 45 3.08 8.39 -4.49
C SER A 45 4.45 8.90 -4.94
N ARG A 46 5.37 9.12 -4.00
CA ARG A 46 6.67 9.66 -4.38
C ARG A 46 7.51 8.64 -5.15
N PHE A 47 7.29 7.36 -4.87
CA PHE A 47 8.01 6.34 -5.63
C PHE A 47 7.36 6.09 -6.98
N GLU A 48 6.04 6.22 -7.05
CA GLU A 48 5.35 6.07 -8.33
C GLU A 48 5.72 7.19 -9.33
N ARG A 49 5.84 8.42 -8.83
CA ARG A 49 6.23 9.57 -9.67
CA ARG A 49 6.22 9.57 -9.67
C ARG A 49 7.61 9.43 -10.27
N LYS A 50 8.51 8.81 -9.51
CA LYS A 50 9.88 8.63 -9.95
C LYS A 50 9.91 7.65 -11.11
N GLY A 51 8.87 6.81 -11.17
CA GLY A 51 8.75 5.85 -12.26
C GLY A 51 9.15 4.47 -11.80
N PHE A 52 9.24 4.27 -10.49
CA PHE A 52 9.58 2.96 -9.97
C PHE A 52 8.34 2.08 -9.95
N LYS A 53 8.59 0.77 -9.98
CA LYS A 53 7.54 -0.20 -10.11
C LYS A 53 7.32 -0.93 -8.79
N LEU A 54 6.11 -0.84 -8.27
CA LEU A 54 5.75 -1.54 -7.03
C LEU A 54 5.49 -3.02 -7.33
N VAL A 55 6.21 -3.91 -6.65
CA VAL A 55 6.11 -5.34 -6.94
C VAL A 55 5.78 -6.22 -5.71
N ALA A 56 5.75 -5.60 -4.54
CA ALA A 56 5.32 -6.24 -3.30
C ALA A 56 4.89 -5.18 -2.31
N LEU A 57 3.87 -5.50 -1.53
CA LEU A 57 3.24 -4.54 -0.62
C LEU A 57 2.46 -5.28 0.45
N LYS A 58 2.72 -4.97 1.71
CA LYS A 58 1.88 -5.49 2.78
C LYS A 58 1.92 -4.71 4.08
N MET A 59 0.87 -4.87 4.87
CA MET A 59 0.85 -4.26 6.17
C MET A 59 0.96 -5.38 7.16
N LEU A 60 1.71 -5.14 8.22
CA LEU A 60 1.88 -6.12 9.29
C LEU A 60 2.40 -5.43 10.51
N GLN A 61 2.08 -6.03 11.66
CA GLN A 61 2.63 -5.58 12.90
C GLN A 61 3.83 -6.45 13.27
N PRO A 62 5.02 -5.85 13.26
CA PRO A 62 6.27 -6.59 13.48
C PRO A 62 6.30 -7.21 14.86
N THR A 63 6.93 -8.38 14.95
CA THR A 63 7.15 -9.02 16.24
C THR A 63 8.36 -8.34 16.86
N THR A 64 8.59 -8.59 18.14
CA THR A 64 9.76 -8.05 18.81
C THR A 64 11.02 -8.59 18.13
N GLU A 65 10.97 -9.86 17.75
CA GLU A 65 12.09 -10.54 17.12
C GLU A 65 12.44 -9.96 15.75
N GLN A 66 11.43 -9.61 14.96
CA GLN A 66 11.66 -9.01 13.65
C GLN A 66 12.25 -7.62 13.78
N ALA A 67 11.71 -6.83 14.71
CA ALA A 67 12.20 -5.49 14.97
C ALA A 67 13.67 -5.55 15.40
N GLN A 68 13.98 -6.53 16.25
CA GLN A 68 15.36 -6.71 16.71
C GLN A 68 16.28 -7.12 15.57
N GLY A 69 15.79 -7.95 14.67
CA GLY A 69 16.55 -8.38 13.51
C GLY A 69 16.81 -7.17 12.63
N HIS A 70 15.80 -6.32 12.47
CA HIS A 70 15.91 -5.16 11.61
C HIS A 70 17.01 -4.20 12.09
N TYR A 71 17.17 -4.12 13.42
CA TYR A 71 18.13 -3.20 14.04
C TYR A 71 19.31 -3.97 14.63
N LYS A 72 19.58 -5.17 14.11
CA LYS A 72 20.62 -6.04 14.70
C LYS A 72 22.01 -5.43 14.85
N ASP A 73 22.35 -4.48 13.97
CA ASP A 73 23.67 -3.84 14.02
C ASP A 73 23.84 -2.90 15.21
N LEU A 74 22.74 -2.63 15.91
CA LEU A 74 22.72 -1.70 17.03
C LEU A 74 22.32 -2.40 18.32
N ALA A 75 22.42 -3.72 18.32
CA ALA A 75 21.98 -4.57 19.43
C ALA A 75 22.71 -4.32 20.75
N SER A 76 23.95 -3.82 20.62
CA SER A 76 24.79 -3.52 21.77
C SER A 76 24.63 -2.05 22.19
N LYS A 77 23.79 -1.29 21.48
CA LYS A 77 23.65 0.11 21.84
C LYS A 77 22.50 0.26 22.84
N PRO A 78 22.59 1.25 23.73
CA PRO A 78 21.56 1.42 24.77
C PRO A 78 20.20 1.84 24.19
N PHE A 79 20.19 2.54 23.06
CA PHE A 79 18.91 2.84 22.43
C PHE A 79 18.36 1.80 21.47
N PHE A 80 18.99 0.63 21.47
CA PHE A 80 18.48 -0.48 20.69
C PHE A 80 17.07 -0.82 21.12
N GLU A 81 16.84 -0.66 22.43
CA GLU A 81 15.59 -0.99 23.06
C GLU A 81 14.46 -0.07 22.62
N GLY A 82 14.76 1.22 22.51
CA GLY A 82 13.75 2.20 22.15
C GLY A 82 13.39 2.11 20.67
N LEU A 83 14.36 1.72 19.85
CA LEU A 83 14.13 1.50 18.43
C LEU A 83 13.17 0.34 18.17
N VAL A 84 13.47 -0.79 18.81
CA VAL A 84 12.67 -2.00 18.68
C VAL A 84 11.25 -1.76 19.18
N LYS A 85 11.15 -1.11 20.34
CA LYS A 85 9.86 -0.82 20.96
C LYS A 85 9.02 0.04 20.02
N TYR A 86 9.68 1.04 19.42
CA TYR A 86 9.03 1.96 18.51
C TYR A 86 8.66 1.28 17.19
N PHE A 87 9.58 0.46 16.68
CA PHE A 87 9.39 -0.19 15.39
C PHE A 87 8.21 -1.18 15.42
N SER A 88 8.01 -1.82 16.58
CA SER A 88 6.95 -2.82 16.76
C SER A 88 5.78 -2.23 17.54
N SER A 89 5.73 -0.89 17.66
CA SER A 89 4.67 -0.25 18.45
C SER A 89 3.30 -0.33 17.75
N GLY A 90 3.35 -0.59 16.44
CA GLY A 90 2.15 -0.68 15.65
C GLY A 90 2.47 -1.25 14.29
N PRO A 91 1.45 -1.32 13.41
CA PRO A 91 1.60 -1.87 12.06
C PRO A 91 2.56 -1.05 11.26
N ILE A 92 3.30 -1.71 10.38
CA ILE A 92 4.15 -0.99 9.46
C ILE A 92 3.69 -1.38 8.05
N VAL A 93 4.18 -0.68 7.04
CA VAL A 93 3.88 -1.04 5.67
C VAL A 93 5.20 -1.36 4.96
N CYS A 94 5.29 -2.59 4.46
CA CYS A 94 6.48 -3.06 3.73
C CYS A 94 6.25 -3.02 2.22
N MET A 95 7.26 -2.56 1.50
CA MET A 95 7.18 -2.45 0.05
C MET A 95 8.43 -3.01 -0.58
N VAL A 96 8.29 -3.49 -1.82
CA VAL A 96 9.44 -3.74 -2.67
C VAL A 96 9.27 -2.94 -3.96
N TRP A 97 10.23 -2.06 -4.24
CA TRP A 97 10.19 -1.26 -5.46
C TRP A 97 11.24 -1.74 -6.45
N GLU A 98 10.87 -1.72 -7.73
CA GLU A 98 11.73 -2.22 -8.79
C GLU A 98 12.02 -1.15 -9.82
N GLY A 99 13.27 -1.09 -10.26
CA GLY A 99 13.65 -0.12 -11.28
C GLY A 99 15.14 0.11 -11.30
N LYS A 100 15.60 0.89 -12.26
CA LYS A 100 17.03 1.16 -12.38
C LYS A 100 17.52 2.11 -11.27
N ASN A 101 18.61 1.73 -10.61
CA ASN A 101 19.20 2.46 -9.47
C ASN A 101 18.23 2.65 -8.30
N VAL A 102 17.23 1.78 -8.21
CA VAL A 102 16.15 2.00 -7.25
C VAL A 102 16.61 2.02 -5.79
N VAL A 103 17.67 1.28 -5.47
CA VAL A 103 18.19 1.26 -4.11
C VAL A 103 18.74 2.63 -3.69
N LYS A 104 19.70 3.14 -4.45
CA LYS A 104 20.29 4.43 -4.13
C LYS A 104 19.27 5.57 -4.31
N SER A 105 18.47 5.50 -5.39
CA SER A 105 17.39 6.48 -5.61
C SER A 105 16.38 6.50 -4.45
N GLY A 106 16.05 5.33 -3.92
CA GLY A 106 15.16 5.23 -2.78
C GLY A 106 15.74 5.97 -1.59
N ARG A 107 17.04 5.82 -1.37
CA ARG A 107 17.68 6.55 -0.28
C ARG A 107 17.57 8.06 -0.50
N VAL A 108 17.82 8.50 -1.74
CA VAL A 108 17.78 9.92 -2.07
C VAL A 108 16.37 10.51 -1.88
N LEU A 109 15.34 9.75 -2.28
CA LEU A 109 13.94 10.14 -2.09
C LEU A 109 13.59 10.27 -0.59
N LEU A 110 14.15 9.38 0.23
CA LEU A 110 13.83 9.40 1.66
C LEU A 110 14.51 10.59 2.34
N GLY A 111 15.76 10.86 1.95
CA GLY A 111 16.51 11.93 2.59
C GLY A 111 17.38 11.38 3.71
N ALA A 112 18.19 12.25 4.31
CA ALA A 112 19.14 11.82 5.33
C ALA A 112 18.43 11.13 6.51
N THR A 113 19.05 10.07 7.07
CA THR A 113 18.44 9.32 8.18
C THR A 113 18.24 10.25 9.35
N ASN A 114 19.10 11.25 9.46
CA ASN A 114 18.97 12.24 10.53
C ASN A 114 18.33 13.50 9.95
N PRO A 115 17.03 13.73 10.24
CA PRO A 115 16.20 14.85 9.75
C PRO A 115 16.86 16.22 9.96
N ALA A 116 17.89 16.26 10.79
CA ALA A 116 18.68 17.46 11.03
C ALA A 116 19.66 17.70 9.88
N ASP A 117 19.70 16.74 8.94
CA ASP A 117 20.57 16.81 7.77
C ASP A 117 19.71 16.68 6.50
N SER A 118 18.44 16.40 6.74
CA SER A 118 17.46 16.21 5.68
C SER A 118 17.07 17.50 4.94
N GLN A 119 16.93 17.37 3.63
CA GLN A 119 16.61 18.51 2.80
C GLN A 119 15.13 18.44 2.43
N PRO A 120 14.45 19.59 2.48
CA PRO A 120 13.04 19.68 2.06
C PRO A 120 12.90 19.23 0.60
N GLY A 121 11.82 18.52 0.30
CA GLY A 121 11.69 17.83 -0.98
C GLY A 121 11.79 16.33 -0.76
N THR A 122 12.56 15.94 0.25
CA THR A 122 12.64 14.52 0.64
C THR A 122 11.59 14.25 1.72
N ILE A 123 11.28 12.97 1.89
CA ILE A 123 10.25 12.54 2.83
C ILE A 123 10.61 12.92 4.27
N ARG A 124 11.82 12.59 4.71
CA ARG A 124 12.24 12.97 6.05
C ARG A 124 12.41 14.48 6.18
N GLY A 125 12.90 15.10 5.11
CA GLY A 125 13.01 16.54 5.06
C GLY A 125 11.66 17.22 5.22
N ASP A 126 10.61 16.65 4.65
CA ASP A 126 9.28 17.27 4.73
C ASP A 126 8.52 16.92 6.01
N TYR A 127 8.76 15.72 6.56
CA TYR A 127 7.90 15.16 7.61
C TYR A 127 8.54 14.73 8.91
N ALA A 128 9.82 14.36 8.88
CA ALA A 128 10.47 13.77 10.06
C ALA A 128 11.13 14.81 10.96
N VAL A 129 11.00 14.64 12.28
CA VAL A 129 11.63 15.58 13.19
C VAL A 129 12.65 14.89 14.11
N ASP A 130 12.52 13.57 14.27
CA ASP A 130 13.40 12.79 15.14
C ASP A 130 14.31 11.88 14.36
N VAL A 131 15.45 11.58 14.98
CA VAL A 131 16.46 10.75 14.35
C VAL A 131 16.01 9.31 14.56
N GLY A 132 15.27 9.11 15.65
CA GLY A 132 14.69 7.83 15.98
C GLY A 132 13.42 7.59 15.20
N ARG A 133 12.42 8.47 15.36
CA ARG A 133 11.23 8.43 14.52
C ARG A 133 11.47 9.07 13.16
N ASN A 134 12.12 8.33 12.27
CA ASN A 134 12.49 8.88 10.97
C ASN A 134 11.53 8.43 9.88
N VAL A 135 10.30 8.10 10.28
CA VAL A 135 9.19 7.79 9.38
C VAL A 135 9.28 6.48 8.55
N CYS A 136 10.46 6.23 7.99
CA CYS A 136 10.64 5.16 7.02
C CYS A 136 12.08 4.65 7.01
N HIS A 137 12.26 3.50 6.35
CA HIS A 137 13.56 2.88 6.13
C HIS A 137 13.74 2.51 4.65
N GLY A 138 14.97 2.61 4.17
CA GLY A 138 15.27 2.15 2.83
C GLY A 138 16.54 1.33 2.89
N SER A 139 16.68 0.36 1.99
CA SER A 139 17.87 -0.47 1.93
C SER A 139 19.10 0.36 1.54
N ASP A 140 20.22 0.13 2.21
CA ASP A 140 21.43 0.91 1.95
C ASP A 140 22.26 0.36 0.77
N SER A 141 21.99 -0.88 0.35
CA SER A 141 22.71 -1.48 -0.78
C SER A 141 21.87 -2.54 -1.48
N VAL A 142 22.37 -2.99 -2.63
CA VAL A 142 21.74 -4.08 -3.36
C VAL A 142 21.79 -5.33 -2.49
N GLU A 143 22.91 -5.48 -1.78
CA GLU A 143 23.12 -6.60 -0.87
C GLU A 143 22.11 -6.57 0.29
N SER A 144 21.92 -5.39 0.88
CA SER A 144 20.98 -5.24 1.98
C SER A 144 19.55 -5.49 1.52
N ALA A 145 19.25 -5.00 0.31
CA ALA A 145 17.92 -5.11 -0.27
C ALA A 145 17.56 -6.58 -0.50
N GLN A 146 18.49 -7.35 -1.08
CA GLN A 146 18.21 -8.77 -1.32
C GLN A 146 17.93 -9.50 -0.01
N ARG A 147 18.61 -9.07 1.05
CA ARG A 147 18.50 -9.64 2.38
C ARG A 147 17.17 -9.24 3.01
N GLU A 148 16.91 -7.94 3.00
CA GLU A 148 15.67 -7.41 3.56
C GLU A 148 14.38 -7.92 2.90
N VAL A 149 14.39 -8.03 1.57
CA VAL A 149 13.23 -8.53 0.86
C VAL A 149 12.97 -9.99 1.26
N ALA A 150 14.03 -10.80 1.32
CA ALA A 150 13.88 -12.21 1.68
C ALA A 150 13.37 -12.36 3.11
N PHE A 151 13.78 -11.43 3.98
CA PHE A 151 13.39 -11.46 5.38
C PHE A 151 11.92 -11.11 5.58
N TRP A 152 11.46 -10.09 4.84
CA TRP A 152 10.11 -9.57 5.05
C TRP A 152 9.08 -10.21 4.11
N PHE A 153 9.55 -10.70 2.96
CA PHE A 153 8.66 -11.22 1.93
C PHE A 153 8.94 -12.65 1.48
N LYS A 154 7.85 -13.37 1.21
CA LYS A 154 7.90 -14.65 0.53
C LYS A 154 7.95 -14.41 -0.99
N VAL A 155 8.59 -15.33 -1.70
CA VAL A 155 8.75 -15.25 -3.15
C VAL A 155 7.40 -15.05 -3.86
N GLU A 156 6.37 -15.68 -3.32
CA GLU A 156 5.02 -15.64 -3.87
C GLU A 156 4.42 -14.25 -3.73
N GLU A 157 4.78 -13.56 -2.64
CA GLU A 157 4.25 -12.22 -2.37
C GLU A 157 4.82 -11.14 -3.29
N ILE A 158 5.71 -11.54 -4.20
CA ILE A 158 6.36 -10.57 -5.08
C ILE A 158 5.88 -10.75 -6.52
N ALA A 159 5.35 -9.66 -7.09
CA ALA A 159 4.75 -9.72 -8.43
C ALA A 159 5.80 -9.48 -9.52
N SER A 160 5.42 -9.78 -10.75
CA SER A 160 6.32 -9.62 -11.88
C SER A 160 5.51 -9.16 -13.07
N TRP A 161 5.20 -7.87 -13.11
CA TRP A 161 4.40 -7.33 -14.19
C TRP A 161 5.21 -6.33 -15.01
N THR A 162 4.61 -5.80 -16.08
CA THR A 162 5.32 -4.89 -16.99
C THR A 162 4.51 -3.60 -17.22
N SER B 22 -17.64 2.39 14.39
CA SER B 22 -16.22 2.63 14.63
C SER B 22 -15.38 1.38 14.37
N SER B 23 -15.97 0.20 14.57
CA SER B 23 -15.30 -1.05 14.24
C SER B 23 -15.69 -1.46 12.82
N GLU B 24 -16.48 -0.60 12.17
CA GLU B 24 -16.94 -0.88 10.81
C GLU B 24 -15.77 -0.97 9.84
N ARG B 25 -15.86 -1.91 8.90
CA ARG B 25 -14.79 -2.12 7.95
C ARG B 25 -15.31 -2.21 6.54
N THR B 26 -14.48 -1.76 5.61
CA THR B 26 -14.85 -1.90 4.20
C THR B 26 -13.65 -2.40 3.43
N PHE B 27 -13.95 -3.04 2.30
CA PHE B 27 -12.90 -3.56 1.43
C PHE B 27 -12.70 -2.64 0.25
N ILE B 28 -11.45 -2.25 0.03
CA ILE B 28 -11.12 -1.43 -1.12
C ILE B 28 -10.06 -2.16 -1.93
N ALA B 29 -10.27 -2.22 -3.24
CA ALA B 29 -9.30 -2.86 -4.12
C ALA B 29 -8.93 -1.90 -5.22
N ILE B 30 -7.64 -1.62 -5.36
CA ILE B 30 -7.15 -0.85 -6.51
C ILE B 30 -6.82 -1.86 -7.59
N LYS B 31 -7.44 -1.67 -8.75
CA LYS B 31 -7.41 -2.64 -9.83
C LYS B 31 -6.16 -2.51 -10.71
N PRO B 32 -5.96 -3.43 -11.68
CA PRO B 32 -4.67 -3.36 -12.41
C PRO B 32 -4.42 -2.01 -13.10
N ASP B 33 -5.45 -1.33 -13.61
CA ASP B 33 -5.28 -0.01 -14.24
C ASP B 33 -4.86 1.07 -13.22
N GLY B 34 -5.45 0.99 -12.02
CA GLY B 34 -5.07 1.89 -10.96
C GLY B 34 -3.61 1.77 -10.59
N VAL B 35 -3.07 0.56 -10.59
CA VAL B 35 -1.67 0.34 -10.27
C VAL B 35 -0.74 0.82 -11.41
N GLN B 36 -1.11 0.51 -12.65
CA GLN B 36 -0.28 0.89 -13.78
C GLN B 36 -0.23 2.39 -14.00
N ARG B 37 -1.29 3.09 -13.63
CA ARG B 37 -1.30 4.53 -13.83
C ARG B 37 -0.61 5.27 -12.68
N GLY B 38 -0.12 4.53 -11.69
CA GLY B 38 0.59 5.11 -10.57
C GLY B 38 -0.31 5.90 -9.63
N LEU B 39 -1.46 5.33 -9.27
CA LEU B 39 -2.44 6.04 -8.45
C LEU B 39 -2.63 5.43 -7.06
N VAL B 40 -1.78 4.46 -6.72
CA VAL B 40 -1.91 3.71 -5.47
C VAL B 40 -1.80 4.64 -4.23
N GLY B 41 -0.77 5.49 -4.20
CA GLY B 41 -0.54 6.37 -3.08
C GLY B 41 -1.63 7.42 -3.01
N GLU B 42 -2.06 7.89 -4.17
CA GLU B 42 -3.10 8.90 -4.24
C GLU B 42 -4.40 8.44 -3.56
N ILE B 43 -4.85 7.24 -3.91
CA ILE B 43 -6.07 6.67 -3.37
C ILE B 43 -6.00 6.44 -1.84
N ILE B 44 -4.88 5.89 -1.40
CA ILE B 44 -4.64 5.68 0.03
C ILE B 44 -4.63 7.01 0.79
N SER B 45 -3.99 8.03 0.19
CA SER B 45 -3.95 9.35 0.82
C SER B 45 -5.35 9.90 1.07
N ARG B 46 -6.26 9.62 0.15
CA ARG B 46 -7.61 10.15 0.27
C ARG B 46 -8.39 9.51 1.42
N PHE B 47 -8.07 8.26 1.73
CA PHE B 47 -8.69 7.59 2.89
C PHE B 47 -8.03 8.01 4.22
N GLU B 48 -6.70 8.24 4.18
CA GLU B 48 -5.99 8.70 5.38
C GLU B 48 -6.43 10.09 5.80
N ARG B 49 -6.64 10.94 4.82
CA ARG B 49 -6.97 12.33 5.11
C ARG B 49 -8.45 12.44 5.56
N LYS B 50 -9.29 11.45 5.17
CA LYS B 50 -10.66 11.35 5.74
C LYS B 50 -10.63 10.95 7.22
N GLY B 51 -9.55 10.30 7.64
CA GLY B 51 -9.42 9.91 9.03
C GLY B 51 -9.71 8.42 9.20
N PHE B 52 -9.76 7.68 8.11
CA PHE B 52 -9.99 6.26 8.24
C PHE B 52 -8.71 5.52 8.57
N LYS B 53 -8.86 4.35 9.18
CA LYS B 53 -7.72 3.62 9.68
C LYS B 53 -7.45 2.40 8.81
N LEU B 54 -6.27 2.36 8.23
CA LEU B 54 -5.86 1.23 7.41
C LEU B 54 -5.48 0.06 8.34
N VAL B 55 -6.12 -1.09 8.16
CA VAL B 55 -5.87 -2.20 9.08
C VAL B 55 -5.45 -3.48 8.35
N ALA B 56 -5.49 -3.46 7.03
CA ALA B 56 -4.97 -4.57 6.25
C ALA B 56 -4.63 -4.06 4.87
N LEU B 57 -3.56 -4.60 4.31
CA LEU B 57 -3.03 -4.12 3.05
C LEU B 57 -2.14 -5.15 2.40
N LYS B 58 -2.42 -5.45 1.14
CA LYS B 58 -1.52 -6.29 0.37
C LYS B 58 -1.68 -6.16 -1.13
N MET B 59 -0.62 -6.51 -1.82
CA MET B 59 -0.62 -6.52 -3.27
C MET B 59 -0.58 -7.98 -3.73
N LEU B 60 -1.34 -8.29 -4.77
CA LEU B 60 -1.35 -9.63 -5.35
C LEU B 60 -1.92 -9.59 -6.75
N GLN B 61 -1.53 -10.56 -7.57
CA GLN B 61 -2.13 -10.72 -8.88
C GLN B 61 -3.25 -11.76 -8.80
N PRO B 62 -4.48 -11.30 -8.98
CA PRO B 62 -5.63 -12.18 -8.81
C PRO B 62 -5.62 -13.32 -9.81
N THR B 63 -6.11 -14.48 -9.39
CA THR B 63 -6.28 -15.62 -10.27
C THR B 63 -7.56 -15.42 -11.04
N THR B 64 -7.74 -16.24 -12.05
CA THR B 64 -8.95 -16.22 -12.85
C THR B 64 -10.17 -16.54 -11.98
N GLU B 65 -10.00 -17.49 -11.06
CA GLU B 65 -11.10 -17.90 -10.18
C GLU B 65 -11.54 -16.74 -9.29
N GLN B 66 -10.55 -16.00 -8.79
CA GLN B 66 -10.82 -14.83 -7.95
C GLN B 66 -11.50 -13.71 -8.74
N ALA B 67 -11.03 -13.46 -9.95
CA ALA B 67 -11.62 -12.45 -10.83
C ALA B 67 -13.08 -12.82 -11.08
N GLN B 68 -13.34 -14.11 -11.27
CA GLN B 68 -14.69 -14.62 -11.49
C GLN B 68 -15.53 -14.41 -10.23
N GLY B 69 -14.90 -14.61 -9.07
CA GLY B 69 -15.58 -14.39 -7.82
C GLY B 69 -15.95 -12.94 -7.62
N HIS B 70 -15.03 -12.04 -7.98
CA HIS B 70 -15.25 -10.61 -7.81
C HIS B 70 -16.44 -10.15 -8.66
N TYR B 71 -16.58 -10.77 -9.83
CA TYR B 71 -17.63 -10.36 -10.75
C TYR B 71 -18.75 -11.41 -10.87
N LYS B 72 -18.89 -12.25 -9.86
CA LYS B 72 -19.84 -13.36 -9.94
C LYS B 72 -21.28 -12.92 -10.27
N ASP B 73 -21.65 -11.69 -9.90
CA ASP B 73 -23.00 -11.20 -10.16
C ASP B 73 -23.25 -10.94 -11.64
N LEU B 74 -22.19 -11.01 -12.44
CA LEU B 74 -22.31 -10.72 -13.87
C LEU B 74 -21.98 -11.89 -14.78
N ALA B 75 -21.96 -13.11 -14.27
CA ALA B 75 -21.55 -14.24 -15.10
C ALA B 75 -22.51 -14.48 -16.28
N SER B 76 -23.79 -14.11 -16.11
CA SER B 76 -24.74 -14.31 -17.21
C SER B 76 -24.84 -13.02 -18.03
N LYS B 77 -24.07 -12.05 -17.59
CA LYS B 77 -24.01 -10.72 -18.18
C LYS B 77 -22.90 -10.70 -19.22
N PRO B 78 -23.04 -9.81 -20.22
CA PRO B 78 -22.15 -9.70 -21.37
C PRO B 78 -20.72 -9.27 -21.08
N PHE B 79 -19.74 -9.82 -21.81
CA PHE B 79 -18.35 -9.36 -21.71
C PHE B 79 -17.79 -9.63 -20.34
N PHE B 80 -18.49 -10.53 -19.64
CA PHE B 80 -18.06 -11.02 -18.35
C PHE B 80 -16.63 -11.57 -18.43
N GLU B 81 -16.27 -12.19 -19.55
CA GLU B 81 -14.94 -12.77 -19.69
C GLU B 81 -13.86 -11.66 -19.71
N GLY B 82 -14.16 -10.55 -20.38
CA GLY B 82 -13.20 -9.46 -20.53
C GLY B 82 -12.99 -8.72 -19.24
N LEU B 83 -14.03 -8.65 -18.42
CA LEU B 83 -13.95 -8.06 -17.08
C LEU B 83 -12.99 -8.91 -16.26
N VAL B 84 -13.22 -10.22 -16.30
CA VAL B 84 -12.43 -11.20 -15.57
C VAL B 84 -10.97 -11.14 -16.03
N LYS B 85 -10.75 -11.09 -17.34
CA LYS B 85 -9.40 -11.01 -17.90
C LYS B 85 -8.65 -9.78 -17.41
N TYR B 86 -9.38 -8.66 -17.37
CA TYR B 86 -8.83 -7.38 -16.96
C TYR B 86 -8.50 -7.37 -15.48
N PHE B 87 -9.40 -7.93 -14.67
CA PHE B 87 -9.22 -7.91 -13.23
C PHE B 87 -7.98 -8.72 -12.86
N SER B 88 -7.71 -9.76 -13.63
CA SER B 88 -6.56 -10.61 -13.36
C SER B 88 -5.41 -10.32 -14.33
N SER B 89 -5.48 -9.18 -15.04
CA SER B 89 -4.46 -8.85 -16.03
C SER B 89 -3.13 -8.47 -15.39
N GLY B 90 -3.19 -8.10 -14.11
CA GLY B 90 -2.01 -7.71 -13.36
C GLY B 90 -2.31 -7.58 -11.87
N PRO B 91 -1.30 -7.15 -11.09
CA PRO B 91 -1.42 -7.01 -9.64
C PRO B 91 -2.44 -5.98 -9.21
N ILE B 92 -3.12 -6.26 -8.11
CA ILE B 92 -4.02 -5.30 -7.51
C ILE B 92 -3.54 -5.00 -6.11
N VAL B 93 -4.12 -3.98 -5.49
CA VAL B 93 -3.82 -3.67 -4.11
C VAL B 93 -5.11 -3.76 -3.31
N CYS B 94 -5.14 -4.66 -2.32
CA CYS B 94 -6.29 -4.84 -1.45
C CYS B 94 -6.08 -4.14 -0.13
N MET B 95 -7.14 -3.49 0.34
CA MET B 95 -7.09 -2.75 1.59
C MET B 95 -8.29 -3.06 2.45
N VAL B 96 -8.15 -2.92 3.76
CA VAL B 96 -9.30 -2.87 4.61
C VAL B 96 -9.23 -1.57 5.39
N TRP B 97 -10.25 -0.74 5.24
CA TRP B 97 -10.27 0.51 5.97
C TRP B 97 -11.32 0.43 7.08
N GLU B 98 -10.99 1.03 8.20
CA GLU B 98 -11.85 0.97 9.39
C GLU B 98 -12.25 2.35 9.87
N GLY B 99 -13.51 2.49 10.23
CA GLY B 99 -14.00 3.74 10.75
C GLY B 99 -15.52 3.82 10.64
N LYS B 100 -16.07 4.90 11.18
CA LYS B 100 -17.52 5.07 11.15
C LYS B 100 -18.01 5.43 9.75
N ASN B 101 -19.04 4.72 9.32
CA ASN B 101 -19.61 4.87 7.98
C ASN B 101 -18.60 4.62 6.88
N VAL B 102 -17.55 3.86 7.19
CA VAL B 102 -16.44 3.73 6.26
C VAL B 102 -16.89 3.07 4.94
N VAL B 103 -17.91 2.22 5.00
CA VAL B 103 -18.44 1.59 3.79
C VAL B 103 -19.07 2.66 2.88
N LYS B 104 -20.03 3.40 3.41
CA LYS B 104 -20.70 4.44 2.64
C LYS B 104 -19.77 5.63 2.28
N SER B 105 -18.97 6.08 3.23
CA SER B 105 -17.97 7.14 2.98
C SER B 105 -16.97 6.67 1.91
N GLY B 106 -16.62 5.39 1.97
CA GLY B 106 -15.72 4.81 0.98
C GLY B 106 -16.29 4.93 -0.42
N ARG B 107 -17.59 4.67 -0.55
CA ARG B 107 -18.24 4.80 -1.84
C ARG B 107 -18.19 6.25 -2.36
N VAL B 108 -18.48 7.20 -1.47
CA VAL B 108 -18.50 8.63 -1.80
C VAL B 108 -17.12 9.13 -2.25
N LEU B 109 -16.08 8.67 -1.57
CA LEU B 109 -14.70 9.03 -1.92
C LEU B 109 -14.35 8.55 -3.32
N LEU B 110 -14.85 7.38 -3.70
CA LEU B 110 -14.56 6.80 -5.03
C LEU B 110 -15.36 7.55 -6.10
N GLY B 111 -16.61 7.85 -5.78
CA GLY B 111 -17.50 8.51 -6.72
C GLY B 111 -18.40 7.56 -7.49
N ALA B 112 -19.30 8.14 -8.28
CA ALA B 112 -20.30 7.40 -9.03
C ALA B 112 -19.70 6.36 -9.97
N THR B 113 -20.37 5.23 -10.07
CA THR B 113 -19.95 4.12 -10.91
C THR B 113 -19.91 4.55 -12.36
N ASN B 114 -20.76 5.52 -12.70
CA ASN B 114 -20.85 6.06 -14.05
C ASN B 114 -20.12 7.38 -14.26
N PRO B 115 -18.94 7.33 -14.92
CA PRO B 115 -18.07 8.48 -15.17
C PRO B 115 -18.81 9.69 -15.76
N ALA B 116 -20.00 9.47 -16.33
CA ALA B 116 -20.80 10.57 -16.83
C ALA B 116 -21.52 11.23 -15.65
N ASP B 117 -21.41 10.61 -14.47
CA ASP B 117 -22.02 11.14 -13.26
C ASP B 117 -20.99 11.30 -12.13
N SER B 118 -19.77 10.83 -12.35
CA SER B 118 -18.75 10.93 -11.30
C SER B 118 -18.31 12.39 -11.18
N GLN B 119 -18.14 12.83 -9.94
CA GLN B 119 -17.80 14.23 -9.71
C GLN B 119 -16.31 14.45 -9.39
N PRO B 120 -15.73 15.51 -9.99
CA PRO B 120 -14.34 15.86 -9.67
C PRO B 120 -14.22 16.12 -8.16
N GLY B 121 -13.11 15.67 -7.57
CA GLY B 121 -12.97 15.63 -6.12
C GLY B 121 -12.99 14.19 -5.68
N THR B 122 -13.72 13.36 -6.44
CA THR B 122 -13.72 11.91 -6.20
C THR B 122 -12.66 11.24 -7.08
N ILE B 123 -12.29 10.02 -6.71
CA ILE B 123 -11.24 9.28 -7.40
C ILE B 123 -11.60 9.01 -8.86
N ARG B 124 -12.79 8.47 -9.07
CA ARG B 124 -13.23 8.21 -10.42
C ARG B 124 -13.49 9.51 -11.16
N GLY B 125 -14.01 10.49 -10.43
CA GLY B 125 -14.22 11.80 -11.01
C GLY B 125 -12.94 12.43 -11.52
N ASP B 126 -11.84 12.23 -10.80
CA ASP B 126 -10.56 12.85 -11.17
C ASP B 126 -9.77 12.00 -12.20
N TYR B 127 -9.93 10.67 -12.13
CA TYR B 127 -9.03 9.75 -12.85
C TYR B 127 -9.68 8.72 -13.79
N ALA B 128 -10.92 8.33 -13.50
CA ALA B 128 -11.52 7.23 -14.26
C ALA B 128 -12.27 7.77 -15.45
N VAL B 129 -12.13 7.09 -16.57
CA VAL B 129 -12.79 7.50 -17.79
C VAL B 129 -13.73 6.40 -18.25
N ASP B 130 -13.47 5.19 -17.77
CA ASP B 130 -14.27 4.05 -18.16
C ASP B 130 -15.11 3.52 -16.98
N VAL B 131 -16.27 2.92 -17.28
CA VAL B 131 -17.13 2.42 -16.21
C VAL B 131 -16.70 1.01 -15.74
N GLY B 132 -16.09 0.22 -16.64
CA GLY B 132 -15.55 -1.10 -16.29
C GLY B 132 -14.17 -1.00 -15.65
N ARG B 133 -13.20 -0.44 -16.38
CA ARG B 133 -11.90 -0.11 -15.80
C ARG B 133 -12.10 1.19 -15.04
N ASN B 134 -12.66 1.06 -13.83
CA ASN B 134 -13.05 2.17 -12.98
C ASN B 134 -12.04 2.48 -11.85
N VAL B 135 -10.77 2.10 -12.09
CA VAL B 135 -9.63 2.41 -11.21
C VAL B 135 -9.64 1.65 -9.87
N CYS B 136 -10.80 1.58 -9.20
CA CYS B 136 -10.83 1.07 -7.85
C CYS B 136 -12.18 0.41 -7.53
N HIS B 137 -12.23 -0.37 -6.45
CA HIS B 137 -13.48 -0.98 -6.00
C HIS B 137 -13.69 -0.73 -4.52
N GLY B 138 -14.94 -0.53 -4.15
CA GLY B 138 -15.34 -0.41 -2.76
C GLY B 138 -16.57 -1.26 -2.48
N SER B 139 -16.69 -1.72 -1.24
CA SER B 139 -17.84 -2.51 -0.84
C SER B 139 -19.15 -1.69 -0.91
N ASP B 140 -20.21 -2.28 -1.45
CA ASP B 140 -21.48 -1.54 -1.62
C ASP B 140 -22.35 -1.57 -0.35
N SER B 141 -22.03 -2.47 0.57
CA SER B 141 -22.75 -2.58 1.83
C SER B 141 -21.86 -3.20 2.89
N VAL B 142 -22.31 -3.15 4.14
CA VAL B 142 -21.60 -3.80 5.24
C VAL B 142 -21.56 -5.32 5.01
N GLU B 143 -22.67 -5.86 4.47
CA GLU B 143 -22.78 -7.28 4.18
C GLU B 143 -21.75 -7.71 3.12
N SER B 144 -21.64 -6.92 2.06
CA SER B 144 -20.70 -7.17 0.98
C SER B 144 -19.28 -7.08 1.52
N ALA B 145 -19.08 -6.11 2.41
CA ALA B 145 -17.77 -5.85 3.00
C ALA B 145 -17.25 -7.01 3.84
N GLN B 146 -18.10 -7.57 4.71
CA GLN B 146 -17.71 -8.71 5.58
C GLN B 146 -17.28 -9.91 4.74
N ARG B 147 -17.98 -10.08 3.63
CA ARG B 147 -17.75 -11.16 2.70
C ARG B 147 -16.47 -10.92 1.92
N GLU B 148 -16.36 -9.73 1.33
CA GLU B 148 -15.17 -9.35 0.58
C GLU B 148 -13.87 -9.35 1.41
N VAL B 149 -13.94 -8.86 2.64
CA VAL B 149 -12.78 -8.84 3.52
C VAL B 149 -12.33 -10.26 3.84
N ALA B 150 -13.30 -11.12 4.16
CA ALA B 150 -13.06 -12.51 4.49
C ALA B 150 -12.49 -13.30 3.29
N PHE B 151 -12.93 -12.91 2.10
CA PHE B 151 -12.50 -13.59 0.87
C PHE B 151 -11.05 -13.29 0.51
N TRP B 152 -10.65 -12.02 0.68
CA TRP B 152 -9.33 -11.55 0.25
C TRP B 152 -8.30 -11.62 1.36
N PHE B 153 -8.78 -11.59 2.59
CA PHE B 153 -7.86 -11.52 3.72
C PHE B 153 -8.06 -12.64 4.73
N LYS B 154 -6.94 -13.11 5.27
CA LYS B 154 -6.97 -13.98 6.42
C LYS B 154 -7.09 -13.10 7.66
N VAL B 155 -7.74 -13.64 8.69
CA VAL B 155 -7.96 -12.94 9.95
C VAL B 155 -6.67 -12.38 10.53
N GLU B 156 -5.58 -13.12 10.34
CA GLU B 156 -4.26 -12.78 10.86
C GLU B 156 -3.70 -11.52 10.18
N GLU B 157 -4.03 -11.34 8.89
CA GLU B 157 -3.55 -10.20 8.10
C GLU B 157 -4.23 -8.87 8.50
N ILE B 158 -5.15 -8.95 9.46
CA ILE B 158 -5.92 -7.79 9.87
C ILE B 158 -5.58 -7.30 11.28
N ALA B 159 -5.18 -6.02 11.37
CA ALA B 159 -4.73 -5.43 12.63
C ALA B 159 -5.92 -4.87 13.44
P PO4 C . 16.70 2.78 9.62
O1 PO4 C . 17.04 2.81 8.14
O2 PO4 C . 15.33 2.24 9.88
O3 PO4 C . 17.67 1.85 10.31
O4 PO4 C . 16.80 4.20 10.15
P PO4 D . -16.64 -3.06 -9.20
O1 PO4 D . -15.20 -3.50 -9.12
O2 PO4 D . -17.43 -4.33 -9.44
O3 PO4 D . -17.09 -2.46 -7.88
O4 PO4 D . -16.88 -2.08 -10.35
#